data_1FXS
#
_entry.id   1FXS
#
_cell.length_a   104.200
_cell.length_b   104.200
_cell.length_c   75.100
_cell.angle_alpha   90.00
_cell.angle_beta   90.00
_cell.angle_gamma   120.00
#
_symmetry.space_group_name_H-M   'P 32 2 1'
#
loop_
_entity.id
_entity.type
_entity.pdbx_description
1 polymer 'PROTEIN (GDP-FUCOSE SYNTHETASE)'
2 non-polymer 'NADP NICOTINAMIDE-ADENINE-DINUCLEOTIDE PHOSPHATE'
3 water water
#
_entity_poly.entity_id   1
_entity_poly.type   'polypeptide(L)'
_entity_poly.pdbx_seq_one_letter_code
;MSKQRVFIAGHRGMVGSAIRRQLEQRGDVELVLRTRDELNLLDSRAVHDFFASERIDQVYLAAAKVGGIVANNTYPADFI
YQNMMIESNIIHAAHQNDVNKLLFLGSSCIYPKLAKQPMAESELLQGTLEPTNEPYAIAKIAGIKLCESYNRQYGRDYRS
VMPTNLYGPHDNFHPSNSHVIPALLRRFHEATAQNAPDVVVWGSGTPMREFLHVDDMAAASIHVMELAHEVWLENTQPML
SHINVGTGVDCTIRELAQTIAKVVGYKGRVVFDASKPDGTPRKLLDVTRLHQLGWYHEISLEAGLASTYQWFLENQDRFR
G
;
_entity_poly.pdbx_strand_id   A
#
loop_
_chem_comp.id
_chem_comp.type
_chem_comp.name
_chem_comp.formula
NAP non-polymer 'NADP NICOTINAMIDE-ADENINE-DINUCLEOTIDE PHOSPHATE' 'C21 H28 N7 O17 P3'
#
# COMPACT_ATOMS: atom_id res chain seq x y z
N LYS A 3 10.39 -19.89 18.05
CA LYS A 3 10.61 -19.11 16.79
C LYS A 3 9.35 -19.02 15.91
N GLN A 4 8.82 -17.80 15.81
CA GLN A 4 7.63 -17.50 15.02
C GLN A 4 7.75 -17.85 13.54
N ARG A 5 6.78 -18.58 13.00
CA ARG A 5 6.79 -18.92 11.58
C ARG A 5 5.80 -18.00 10.85
N VAL A 6 6.38 -17.07 10.07
CA VAL A 6 5.62 -16.06 9.33
C VAL A 6 5.48 -16.29 7.81
N PHE A 7 4.23 -16.27 7.33
CA PHE A 7 3.93 -16.40 5.91
C PHE A 7 3.64 -15.01 5.36
N ILE A 8 4.47 -14.55 4.42
CA ILE A 8 4.26 -13.26 3.78
C ILE A 8 3.74 -13.58 2.38
N ALA A 9 2.44 -13.38 2.18
CA ALA A 9 1.82 -13.65 0.90
C ALA A 9 2.19 -12.48 -0.02
N GLY A 10 2.61 -12.79 -1.24
CA GLY A 10 3.00 -11.76 -2.19
C GLY A 10 4.30 -11.11 -1.78
N HIS A 11 5.27 -11.94 -1.37
CA HIS A 11 6.57 -11.46 -0.90
C HIS A 11 7.45 -10.81 -1.99
N ARG A 12 7.09 -10.99 -3.26
CA ARG A 12 7.84 -10.40 -4.38
C ARG A 12 7.36 -8.99 -4.74
N GLY A 13 6.14 -8.65 -4.35
CA GLY A 13 5.59 -7.33 -4.65
C GLY A 13 6.29 -6.22 -3.90
N MET A 14 5.90 -4.97 -4.17
CA MET A 14 6.51 -3.82 -3.53
C MET A 14 6.42 -3.84 -2.00
N VAL A 15 5.19 -3.92 -1.48
CA VAL A 15 4.95 -3.93 -0.03
C VAL A 15 5.41 -5.26 0.60
N GLY A 16 5.10 -6.37 -0.07
CA GLY A 16 5.48 -7.67 0.43
C GLY A 16 6.98 -7.81 0.64
N SER A 17 7.75 -7.39 -0.37
CA SER A 17 9.21 -7.46 -0.31
C SER A 17 9.80 -6.55 0.76
N ALA A 18 9.14 -5.43 1.02
CA ALA A 18 9.60 -4.49 2.03
C ALA A 18 9.45 -5.10 3.42
N ILE A 19 8.35 -5.80 3.65
CA ILE A 19 8.10 -6.46 4.92
C ILE A 19 9.15 -7.55 5.10
N ARG A 20 9.39 -8.30 4.02
CA ARG A 20 10.38 -9.37 4.00
C ARG A 20 11.79 -8.86 4.33
N ARG A 21 12.22 -7.77 3.71
CA ARG A 21 13.55 -7.22 3.95
C ARG A 21 13.77 -6.96 5.42
N GLN A 22 12.73 -6.48 6.10
CA GLN A 22 12.83 -6.18 7.52
C GLN A 22 12.70 -7.35 8.47
N LEU A 23 11.94 -8.37 8.09
CA LEU A 23 11.77 -9.53 8.95
C LEU A 23 12.95 -10.48 8.77
N GLU A 24 13.61 -10.38 7.63
CA GLU A 24 14.77 -11.22 7.34
C GLU A 24 15.92 -10.82 8.27
N GLN A 25 15.93 -9.55 8.67
CA GLN A 25 16.96 -8.99 9.54
C GLN A 25 16.71 -9.25 11.03
N ARG A 26 16.24 -10.46 11.35
CA ARG A 26 15.99 -10.88 12.72
C ARG A 26 15.70 -12.37 12.79
N GLY A 27 16.44 -13.05 13.67
CA GLY A 27 16.33 -14.48 13.82
C GLY A 27 15.24 -15.04 14.70
N ASP A 28 14.42 -14.18 15.31
CA ASP A 28 13.34 -14.66 16.16
C ASP A 28 12.11 -15.01 15.32
N VAL A 29 12.32 -14.95 14.00
CA VAL A 29 11.28 -15.21 13.01
C VAL A 29 11.81 -16.09 11.88
N GLU A 30 11.00 -17.05 11.45
CA GLU A 30 11.36 -17.93 10.35
C GLU A 30 10.33 -17.69 9.23
N LEU A 31 10.81 -17.33 8.05
CA LEU A 31 9.93 -17.04 6.92
C LEU A 31 9.52 -18.20 6.03
N VAL A 32 8.23 -18.28 5.70
CA VAL A 32 7.70 -19.32 4.82
C VAL A 32 7.22 -18.52 3.61
N LEU A 33 7.88 -18.71 2.46
CA LEU A 33 7.52 -17.96 1.27
C LEU A 33 7.23 -18.86 0.09
N ARG A 34 6.29 -18.44 -0.74
CA ARG A 34 5.89 -19.20 -1.92
C ARG A 34 5.67 -18.25 -3.07
N THR A 35 6.24 -18.56 -4.24
CA THR A 35 6.05 -17.72 -5.41
C THR A 35 4.70 -18.09 -6.02
N ARG A 36 4.24 -17.29 -6.99
CA ARG A 36 2.96 -17.55 -7.64
C ARG A 36 2.97 -18.91 -8.34
N ASP A 37 4.16 -19.31 -8.81
CA ASP A 37 4.29 -20.62 -9.48
C ASP A 37 4.28 -21.76 -8.49
N GLU A 38 4.72 -21.50 -7.25
CA GLU A 38 4.73 -22.53 -6.22
C GLU A 38 3.35 -22.64 -5.58
N LEU A 39 2.65 -21.52 -5.46
CA LEU A 39 1.34 -21.51 -4.85
C LEU A 39 0.44 -20.43 -5.45
N ASN A 40 -0.55 -20.86 -6.21
CA ASN A 40 -1.50 -19.92 -6.79
C ASN A 40 -2.56 -19.62 -5.75
N LEU A 41 -2.54 -18.38 -5.24
CA LEU A 41 -3.46 -17.94 -4.19
C LEU A 41 -4.93 -17.91 -4.57
N LEU A 42 -5.22 -18.02 -5.87
CA LEU A 42 -6.61 -18.04 -6.34
C LEU A 42 -7.23 -19.42 -6.19
N ASP A 43 -6.38 -20.42 -6.00
CA ASP A 43 -6.82 -21.80 -5.83
C ASP A 43 -7.07 -22.13 -4.36
N SER A 44 -8.34 -22.27 -3.99
CA SER A 44 -8.74 -22.59 -2.61
C SER A 44 -8.07 -23.85 -2.06
N ARG A 45 -8.20 -24.96 -2.78
CA ARG A 45 -7.61 -26.25 -2.38
C ARG A 45 -6.11 -26.13 -2.15
N ALA A 46 -5.42 -25.49 -3.09
CA ALA A 46 -3.98 -25.29 -3.00
C ALA A 46 -3.64 -24.52 -1.73
N VAL A 47 -4.40 -23.44 -1.48
CA VAL A 47 -4.17 -22.61 -0.30
C VAL A 47 -4.45 -23.36 1.02
N HIS A 48 -5.55 -24.09 1.08
CA HIS A 48 -5.89 -24.86 2.28
C HIS A 48 -4.85 -25.96 2.53
N ASP A 49 -4.38 -26.58 1.44
CA ASP A 49 -3.38 -27.63 1.54
C ASP A 49 -2.09 -27.09 2.11
N PHE A 50 -1.70 -25.90 1.64
CA PHE A 50 -0.49 -25.25 2.11
C PHE A 50 -0.61 -24.94 3.60
N PHE A 51 -1.74 -24.39 4.03
CA PHE A 51 -1.94 -24.04 5.44
C PHE A 51 -2.01 -25.27 6.35
N ALA A 52 -2.41 -26.39 5.76
CA ALA A 52 -2.52 -27.65 6.48
C ALA A 52 -1.14 -28.32 6.63
N SER A 53 -0.30 -28.19 5.60
CA SER A 53 1.04 -28.78 5.58
C SER A 53 2.08 -28.01 6.38
N GLU A 54 2.03 -26.68 6.33
CA GLU A 54 2.99 -25.86 7.06
C GLU A 54 2.46 -25.47 8.42
N ARG A 55 3.33 -25.03 9.29
CA ARG A 55 2.92 -24.61 10.62
C ARG A 55 3.10 -23.10 10.69
N ILE A 56 2.07 -22.37 10.24
CA ILE A 56 2.10 -20.90 10.20
C ILE A 56 1.61 -20.26 11.50
N ASP A 57 2.37 -19.31 12.03
CA ASP A 57 1.97 -18.62 13.25
C ASP A 57 1.36 -17.26 12.91
N GLN A 58 1.90 -16.59 11.89
CA GLN A 58 1.42 -15.27 11.47
C GLN A 58 1.34 -15.17 9.97
N VAL A 59 0.46 -14.29 9.49
CA VAL A 59 0.28 -14.07 8.05
C VAL A 59 0.21 -12.58 7.71
N TYR A 60 1.03 -12.17 6.75
CA TYR A 60 1.02 -10.79 6.27
C TYR A 60 0.41 -10.93 4.88
N LEU A 61 -0.83 -10.49 4.73
CA LEU A 61 -1.53 -10.59 3.46
C LEU A 61 -1.20 -9.40 2.56
N ALA A 62 -0.07 -9.51 1.86
CA ALA A 62 0.41 -8.47 0.95
C ALA A 62 0.23 -8.83 -0.52
N ALA A 63 -0.47 -9.91 -0.79
CA ALA A 63 -0.73 -10.32 -2.17
C ALA A 63 -2.00 -9.64 -2.67
N ALA A 64 -1.97 -9.17 -3.91
CA ALA A 64 -3.10 -8.49 -4.52
C ALA A 64 -2.89 -8.25 -5.99
N LYS A 65 -3.98 -7.93 -6.67
CA LYS A 65 -4.00 -7.60 -8.08
C LYS A 65 -4.08 -6.08 -8.03
N VAL A 66 -2.93 -5.44 -8.26
CA VAL A 66 -2.78 -3.98 -8.20
C VAL A 66 -2.49 -3.36 -9.59
N GLY A 67 -2.90 -2.11 -9.77
CA GLY A 67 -2.66 -1.44 -11.04
C GLY A 67 -2.95 0.03 -10.99
N GLY A 68 -2.74 0.70 -12.13
CA GLY A 68 -2.98 2.12 -12.25
C GLY A 68 -4.35 2.43 -12.80
N ILE A 69 -4.58 3.71 -13.11
CA ILE A 69 -5.84 4.20 -13.64
C ILE A 69 -6.37 3.44 -14.86
N VAL A 70 -5.51 3.19 -15.84
CA VAL A 70 -5.90 2.45 -17.05
C VAL A 70 -6.29 1.00 -16.72
N ALA A 71 -5.46 0.33 -15.94
CA ALA A 71 -5.70 -1.07 -15.57
C ALA A 71 -7.03 -1.27 -14.85
N ASN A 72 -7.28 -0.46 -13.83
CA ASN A 72 -8.50 -0.53 -13.04
C ASN A 72 -9.78 -0.30 -13.85
N ASN A 73 -9.70 0.56 -14.87
CA ASN A 73 -10.85 0.83 -15.72
C ASN A 73 -10.97 -0.16 -16.89
N THR A 74 -9.85 -0.78 -17.25
CA THR A 74 -9.81 -1.73 -18.36
C THR A 74 -10.12 -3.17 -17.93
N TYR A 75 -9.64 -3.56 -16.75
CA TYR A 75 -9.88 -4.91 -16.24
C TYR A 75 -10.62 -4.93 -14.89
N PRO A 76 -11.76 -4.22 -14.79
CA PRO A 76 -12.49 -4.20 -13.51
C PRO A 76 -12.86 -5.58 -12.92
N ALA A 77 -13.37 -6.49 -13.75
CA ALA A 77 -13.71 -7.83 -13.30
C ALA A 77 -12.51 -8.57 -12.66
N ASP A 78 -11.34 -8.48 -13.28
CA ASP A 78 -10.14 -9.14 -12.75
C ASP A 78 -9.75 -8.58 -11.40
N PHE A 79 -9.89 -7.27 -11.25
CA PHE A 79 -9.54 -6.58 -10.01
C PHE A 79 -10.46 -6.89 -8.83
N ILE A 80 -11.76 -6.93 -9.06
CA ILE A 80 -12.65 -7.26 -7.96
C ILE A 80 -12.60 -8.78 -7.66
N TYR A 81 -12.65 -9.61 -8.70
CA TYR A 81 -12.63 -11.05 -8.52
C TYR A 81 -11.37 -11.62 -7.88
N GLN A 82 -10.21 -11.31 -8.45
CA GLN A 82 -8.96 -11.84 -7.93
C GLN A 82 -8.65 -11.40 -6.52
N ASN A 83 -8.99 -10.16 -6.19
CA ASN A 83 -8.74 -9.69 -4.84
C ASN A 83 -9.71 -10.33 -3.85
N MET A 84 -10.96 -10.51 -4.26
CA MET A 84 -11.95 -11.16 -3.40
C MET A 84 -11.50 -12.61 -3.11
N MET A 85 -11.09 -13.34 -4.15
CA MET A 85 -10.66 -14.73 -3.98
C MET A 85 -9.41 -14.87 -3.13
N ILE A 86 -8.38 -14.07 -3.42
CA ILE A 86 -7.13 -14.12 -2.65
C ILE A 86 -7.39 -13.88 -1.16
N GLU A 87 -8.21 -12.88 -0.86
CA GLU A 87 -8.57 -12.56 0.53
C GLU A 87 -9.32 -13.70 1.21
N SER A 88 -10.40 -14.16 0.58
CA SER A 88 -11.24 -15.25 1.06
C SER A 88 -10.46 -16.52 1.31
N ASN A 89 -9.68 -16.93 0.32
CA ASN A 89 -8.87 -18.14 0.42
C ASN A 89 -7.91 -18.11 1.60
N ILE A 90 -7.09 -17.06 1.67
CA ILE A 90 -6.11 -16.93 2.75
C ILE A 90 -6.72 -16.81 4.15
N ILE A 91 -7.65 -15.88 4.31
CA ILE A 91 -8.29 -15.66 5.60
C ILE A 91 -9.06 -16.88 6.11
N HIS A 92 -9.77 -17.55 5.21
CA HIS A 92 -10.51 -18.74 5.62
C HIS A 92 -9.56 -19.89 5.97
N ALA A 93 -8.57 -20.12 5.10
CA ALA A 93 -7.59 -21.18 5.34
C ALA A 93 -6.85 -20.95 6.65
N ALA A 94 -6.45 -19.71 6.91
CA ALA A 94 -5.74 -19.38 8.13
C ALA A 94 -6.58 -19.80 9.34
N HIS A 95 -7.85 -19.43 9.33
CA HIS A 95 -8.72 -19.79 10.44
C HIS A 95 -8.90 -21.29 10.60
N GLN A 96 -9.17 -21.97 9.50
CA GLN A 96 -9.36 -23.42 9.47
C GLN A 96 -8.15 -24.16 10.02
N ASN A 97 -6.97 -23.56 9.89
CA ASN A 97 -5.74 -24.19 10.34
C ASN A 97 -5.10 -23.51 11.54
N ASP A 98 -5.94 -22.89 12.35
CA ASP A 98 -5.53 -22.24 13.57
C ASP A 98 -4.50 -21.12 13.60
N VAL A 99 -4.40 -20.37 12.50
CA VAL A 99 -3.50 -19.23 12.49
C VAL A 99 -4.35 -18.13 13.15
N ASN A 100 -3.88 -17.62 14.28
CA ASN A 100 -4.64 -16.62 15.01
C ASN A 100 -4.28 -15.18 14.64
N LYS A 101 -3.07 -14.98 14.14
CA LYS A 101 -2.56 -13.65 13.78
C LYS A 101 -2.43 -13.44 12.27
N LEU A 102 -3.00 -12.35 11.80
CA LEU A 102 -2.96 -12.01 10.38
C LEU A 102 -3.05 -10.49 10.22
N LEU A 103 -2.29 -9.97 9.26
CA LEU A 103 -2.32 -8.54 9.00
C LEU A 103 -2.75 -8.33 7.54
N PHE A 104 -3.87 -7.63 7.36
CA PHE A 104 -4.41 -7.34 6.05
C PHE A 104 -4.04 -5.90 5.64
N LEU A 105 -3.50 -5.75 4.43
CA LEU A 105 -3.10 -4.46 3.88
C LEU A 105 -4.17 -3.95 2.94
N GLY A 106 -4.79 -2.84 3.34
CA GLY A 106 -5.83 -2.26 2.52
C GLY A 106 -5.26 -1.21 1.59
N SER A 107 -6.01 -0.12 1.42
CA SER A 107 -5.58 0.94 0.52
C SER A 107 -6.33 2.22 0.85
N SER A 108 -5.74 3.37 0.51
CA SER A 108 -6.34 4.66 0.77
C SER A 108 -7.47 5.00 -0.18
N CYS A 109 -7.44 4.38 -1.36
CA CYS A 109 -8.47 4.62 -2.37
C CYS A 109 -9.79 3.93 -2.01
N ILE A 110 -9.86 3.41 -0.80
CA ILE A 110 -11.00 2.73 -0.23
C ILE A 110 -11.97 3.74 0.39
N TYR A 111 -11.48 4.92 0.73
CA TYR A 111 -12.32 5.95 1.33
C TYR A 111 -13.17 6.69 0.31
N PRO A 112 -14.30 7.28 0.76
CA PRO A 112 -15.21 8.01 -0.12
C PRO A 112 -14.47 9.09 -0.90
N LYS A 113 -14.90 9.31 -2.13
CA LYS A 113 -14.30 10.32 -3.01
C LYS A 113 -14.33 11.70 -2.35
N LEU A 114 -15.46 12.04 -1.76
CA LEU A 114 -15.66 13.33 -1.11
C LEU A 114 -15.55 13.32 0.42
N ALA A 115 -14.65 12.49 0.93
CA ALA A 115 -14.45 12.37 2.36
C ALA A 115 -13.90 13.68 2.99
N LYS A 116 -14.09 13.81 4.30
CA LYS A 116 -13.63 14.94 5.07
C LYS A 116 -12.13 14.76 5.25
N GLN A 117 -11.35 15.84 5.12
CA GLN A 117 -9.89 15.80 5.26
C GLN A 117 -9.38 16.48 6.54
N PRO A 118 -8.40 15.87 7.24
CA PRO A 118 -7.77 14.59 6.89
C PRO A 118 -8.78 13.46 7.16
N MET A 119 -8.67 12.36 6.42
CA MET A 119 -9.61 11.24 6.55
C MET A 119 -9.38 10.30 7.72
N ALA A 120 -10.26 10.35 8.72
CA ALA A 120 -10.15 9.46 9.87
C ALA A 120 -10.69 8.09 9.46
N GLU A 121 -10.38 7.06 10.23
CA GLU A 121 -10.82 5.70 9.95
C GLU A 121 -12.33 5.54 9.83
N SER A 122 -13.08 6.39 10.54
CA SER A 122 -14.55 6.36 10.52
C SER A 122 -15.14 6.92 9.25
N GLU A 123 -14.26 7.34 8.35
CA GLU A 123 -14.68 7.89 7.08
C GLU A 123 -15.06 6.75 6.13
N LEU A 124 -14.70 5.53 6.54
CA LEU A 124 -14.99 4.34 5.77
C LEU A 124 -16.48 4.12 5.60
N LEU A 125 -16.90 3.89 4.36
CA LEU A 125 -18.29 3.63 3.99
C LEU A 125 -19.25 4.82 4.14
N GLN A 126 -18.69 6.00 4.32
CA GLN A 126 -19.48 7.23 4.49
C GLN A 126 -19.97 7.91 3.22
N GLY A 127 -19.66 7.35 2.07
CA GLY A 127 -20.08 7.96 0.82
C GLY A 127 -19.55 7.20 -0.39
N THR A 128 -19.99 7.62 -1.57
CA THR A 128 -19.61 6.96 -2.80
C THR A 128 -18.10 6.97 -3.08
N LEU A 129 -17.65 5.91 -3.73
CA LEU A 129 -16.25 5.71 -4.07
C LEU A 129 -15.91 6.35 -5.43
N GLU A 130 -14.61 6.59 -5.63
CA GLU A 130 -14.09 7.12 -6.89
C GLU A 130 -14.39 6.01 -7.92
N PRO A 131 -15.08 6.34 -9.03
CA PRO A 131 -15.40 5.33 -10.04
C PRO A 131 -14.22 4.47 -10.51
N THR A 132 -13.09 5.11 -10.82
CA THR A 132 -11.93 4.37 -11.28
C THR A 132 -11.55 3.21 -10.38
N ASN A 133 -11.57 3.46 -9.07
CA ASN A 133 -11.19 2.46 -8.08
C ASN A 133 -12.30 1.63 -7.44
N GLU A 134 -13.54 1.86 -7.84
CA GLU A 134 -14.65 1.15 -7.23
C GLU A 134 -14.56 -0.39 -7.07
N PRO A 135 -14.28 -1.15 -8.14
CA PRO A 135 -14.19 -2.62 -8.01
C PRO A 135 -13.11 -3.06 -7.02
N TYR A 136 -11.93 -2.47 -7.15
CA TYR A 136 -10.80 -2.77 -6.28
C TYR A 136 -11.11 -2.38 -4.83
N ALA A 137 -11.73 -1.21 -4.66
CA ALA A 137 -12.09 -0.69 -3.35
C ALA A 137 -13.09 -1.60 -2.63
N ILE A 138 -14.07 -2.12 -3.36
CA ILE A 138 -15.07 -3.02 -2.79
C ILE A 138 -14.43 -4.32 -2.31
N ALA A 139 -13.50 -4.85 -3.11
CA ALA A 139 -12.80 -6.08 -2.74
C ALA A 139 -12.01 -5.86 -1.45
N LYS A 140 -11.31 -4.73 -1.37
CA LYS A 140 -10.52 -4.37 -0.20
C LYS A 140 -11.36 -4.18 1.07
N ILE A 141 -12.48 -3.47 0.96
CA ILE A 141 -13.37 -3.26 2.08
C ILE A 141 -13.91 -4.61 2.55
N ALA A 142 -14.26 -5.50 1.61
CA ALA A 142 -14.75 -6.83 1.92
C ALA A 142 -13.68 -7.60 2.70
N GLY A 143 -12.42 -7.35 2.38
CA GLY A 143 -11.31 -7.98 3.07
C GLY A 143 -11.22 -7.54 4.53
N ILE A 144 -11.49 -6.25 4.79
CA ILE A 144 -11.45 -5.73 6.17
C ILE A 144 -12.61 -6.34 6.96
N LYS A 145 -13.78 -6.42 6.35
CA LYS A 145 -14.94 -6.97 7.02
C LYS A 145 -14.84 -8.48 7.27
N LEU A 146 -14.08 -9.18 6.43
CA LEU A 146 -13.86 -10.61 6.62
C LEU A 146 -13.09 -10.71 7.94
N CYS A 147 -12.03 -9.90 8.07
CA CYS A 147 -11.21 -9.89 9.29
C CYS A 147 -12.04 -9.63 10.53
N GLU A 148 -12.80 -8.53 10.51
CA GLU A 148 -13.64 -8.13 11.64
C GLU A 148 -14.64 -9.22 12.01
N SER A 149 -15.17 -9.87 10.98
CA SER A 149 -16.14 -10.95 11.15
C SER A 149 -15.53 -12.19 11.80
N TYR A 150 -14.28 -12.51 11.47
CA TYR A 150 -13.61 -13.67 12.06
C TYR A 150 -13.19 -13.32 13.48
N ASN A 151 -12.81 -12.07 13.70
CA ASN A 151 -12.45 -11.60 15.02
C ASN A 151 -13.67 -11.74 15.93
N ARG A 152 -14.82 -11.26 15.47
CA ARG A 152 -16.06 -11.32 16.24
C ARG A 152 -16.57 -12.73 16.51
N GLN A 153 -16.77 -13.52 15.46
CA GLN A 153 -17.29 -14.86 15.60
C GLN A 153 -16.36 -15.87 16.25
N TYR A 154 -15.10 -15.90 15.81
CA TYR A 154 -14.14 -16.89 16.32
C TYR A 154 -13.07 -16.43 17.29
N GLY A 155 -13.09 -15.16 17.65
CA GLY A 155 -12.09 -14.65 18.57
C GLY A 155 -10.70 -14.62 17.98
N ARG A 156 -10.62 -14.37 16.67
CA ARG A 156 -9.33 -14.29 15.97
C ARG A 156 -8.69 -12.92 16.20
N ASP A 157 -7.45 -12.77 15.70
CA ASP A 157 -6.71 -11.52 15.84
C ASP A 157 -6.20 -11.09 14.46
N TYR A 158 -7.15 -10.80 13.57
CA TYR A 158 -6.90 -10.41 12.20
C TYR A 158 -7.00 -8.90 12.11
N ARG A 159 -5.84 -8.26 12.10
CA ARG A 159 -5.73 -6.81 12.05
C ARG A 159 -5.56 -6.30 10.62
N SER A 160 -5.81 -5.02 10.42
CA SER A 160 -5.70 -4.41 9.10
C SER A 160 -5.20 -2.97 9.14
N VAL A 161 -4.36 -2.62 8.18
CA VAL A 161 -3.81 -1.27 8.05
C VAL A 161 -4.14 -0.68 6.67
N MET A 162 -4.45 0.62 6.66
CA MET A 162 -4.80 1.36 5.44
C MET A 162 -3.69 2.30 5.07
N PRO A 163 -2.82 1.92 4.11
CA PRO A 163 -1.74 2.83 3.76
C PRO A 163 -2.16 3.99 2.84
N THR A 164 -1.37 5.06 2.85
CA THR A 164 -1.61 6.20 1.98
C THR A 164 -0.82 5.89 0.69
N ASN A 165 -0.59 6.87 -0.19
CA ASN A 165 0.20 6.65 -1.42
C ASN A 165 1.58 6.18 -1.02
N LEU A 166 2.04 5.11 -1.64
CA LEU A 166 3.35 4.55 -1.33
C LEU A 166 4.30 4.71 -2.50
N TYR A 167 5.59 4.68 -2.19
CA TYR A 167 6.62 4.78 -3.21
C TYR A 167 7.88 4.14 -2.62
N GLY A 168 8.85 3.84 -3.48
CA GLY A 168 10.09 3.25 -3.02
C GLY A 168 10.57 2.18 -3.97
N PRO A 169 11.58 1.38 -3.60
CA PRO A 169 12.08 0.33 -4.49
C PRO A 169 11.04 -0.75 -4.81
N HIS A 170 11.17 -1.34 -6.00
CA HIS A 170 10.28 -2.40 -6.48
C HIS A 170 8.93 -1.90 -6.93
N ASP A 171 8.82 -0.58 -7.06
CA ASP A 171 7.60 0.03 -7.54
C ASP A 171 7.62 -0.18 -9.05
N ASN A 172 6.47 0.01 -9.67
CA ASN A 172 6.36 -0.14 -11.11
C ASN A 172 6.90 1.13 -11.78
N PHE A 173 8.15 1.10 -12.22
CA PHE A 173 8.71 2.28 -12.88
C PHE A 173 8.43 2.31 -14.37
N HIS A 174 7.64 1.34 -14.85
CA HIS A 174 7.26 1.25 -16.25
C HIS A 174 6.50 2.51 -16.66
N PRO A 175 6.57 2.86 -17.96
CA PRO A 175 5.90 4.05 -18.52
C PRO A 175 4.37 3.97 -18.40
N SER A 176 3.87 2.74 -18.27
CA SER A 176 2.44 2.49 -18.14
C SER A 176 1.87 2.95 -16.80
N ASN A 177 2.70 2.94 -15.75
CA ASN A 177 2.29 3.33 -14.40
C ASN A 177 1.86 4.78 -14.26
N SER A 178 0.64 4.95 -13.73
CA SER A 178 0.04 6.26 -13.52
C SER A 178 0.34 6.90 -12.16
N HIS A 179 0.94 6.14 -11.23
CA HIS A 179 1.26 6.68 -9.91
C HIS A 179 2.30 7.77 -10.10
N VAL A 180 1.97 8.94 -9.56
CA VAL A 180 2.76 10.13 -9.70
C VAL A 180 4.27 10.04 -9.41
N ILE A 181 4.67 9.51 -8.26
CA ILE A 181 6.10 9.45 -7.96
C ILE A 181 6.96 8.64 -8.96
N PRO A 182 6.63 7.35 -9.21
CA PRO A 182 7.45 6.61 -10.17
C PRO A 182 7.34 7.15 -11.59
N ALA A 183 6.20 7.73 -11.93
CA ALA A 183 6.00 8.30 -13.26
C ALA A 183 6.88 9.55 -13.44
N LEU A 184 6.94 10.40 -12.42
CA LEU A 184 7.75 11.62 -12.48
C LEU A 184 9.24 11.34 -12.36
N LEU A 185 9.63 10.34 -11.58
CA LEU A 185 11.05 10.01 -11.44
C LEU A 185 11.57 9.60 -12.81
N ARG A 186 10.77 8.80 -13.52
CA ARG A 186 11.10 8.32 -14.85
C ARG A 186 11.18 9.48 -15.85
N ARG A 187 10.14 10.29 -15.91
CA ARG A 187 10.10 11.42 -16.85
C ARG A 187 11.23 12.43 -16.63
N PHE A 188 11.48 12.80 -15.37
CA PHE A 188 12.54 13.75 -15.07
C PHE A 188 13.90 13.15 -15.36
N HIS A 189 14.00 11.84 -15.21
CA HIS A 189 15.25 11.13 -15.48
C HIS A 189 15.58 11.23 -16.98
N GLU A 190 14.60 10.94 -17.82
CA GLU A 190 14.80 11.00 -19.25
C GLU A 190 14.96 12.41 -19.79
N ALA A 191 14.20 13.36 -19.22
CA ALA A 191 14.28 14.76 -19.64
C ALA A 191 15.68 15.29 -19.30
N THR A 192 16.24 14.84 -18.18
CA THR A 192 17.56 15.26 -17.75
C THR A 192 18.62 14.67 -18.69
N ALA A 193 18.42 13.42 -19.07
CA ALA A 193 19.31 12.67 -19.97
C ALA A 193 19.29 13.22 -21.41
N GLN A 194 18.10 13.53 -21.90
CA GLN A 194 17.94 14.06 -23.25
C GLN A 194 18.12 15.58 -23.26
N ASN A 195 18.32 16.13 -22.07
CA ASN A 195 18.52 17.57 -21.89
C ASN A 195 17.38 18.46 -22.40
N ALA A 196 16.14 18.00 -22.21
CA ALA A 196 14.93 18.71 -22.63
C ALA A 196 14.81 20.08 -21.94
N PRO A 197 14.43 21.12 -22.70
CA PRO A 197 14.29 22.46 -22.11
C PRO A 197 13.23 22.54 -20.99
N ASP A 198 12.16 21.77 -21.11
CA ASP A 198 11.09 21.74 -20.11
C ASP A 198 10.35 20.39 -19.97
N VAL A 199 9.59 20.25 -18.90
CA VAL A 199 8.79 19.05 -18.64
C VAL A 199 7.41 19.58 -18.27
N VAL A 200 6.41 19.25 -19.10
CA VAL A 200 5.06 19.73 -18.83
C VAL A 200 4.25 18.71 -18.07
N VAL A 201 3.64 19.16 -16.98
CA VAL A 201 2.82 18.31 -16.13
C VAL A 201 1.39 18.85 -16.19
N TRP A 202 0.40 17.97 -16.36
CA TRP A 202 -1.00 18.37 -16.45
C TRP A 202 -1.51 18.88 -15.10
N GLY A 203 -2.34 19.94 -15.15
CA GLY A 203 -2.89 20.51 -13.92
C GLY A 203 -2.23 21.79 -13.45
N SER A 204 -2.73 22.33 -12.33
CA SER A 204 -2.20 23.56 -11.77
C SER A 204 -1.07 23.33 -10.76
N GLY A 205 -0.92 22.09 -10.29
CA GLY A 205 0.11 21.77 -9.32
C GLY A 205 -0.29 22.11 -7.88
N THR A 206 -1.47 22.70 -7.72
CA THR A 206 -1.96 23.09 -6.39
C THR A 206 -2.57 21.96 -5.52
N PRO A 207 -3.08 20.86 -6.12
CA PRO A 207 -3.62 19.84 -5.22
C PRO A 207 -2.61 19.21 -4.26
N MET A 208 -3.07 18.96 -3.03
CA MET A 208 -2.23 18.39 -2.00
C MET A 208 -2.38 16.87 -1.79
N ARG A 209 -1.25 16.18 -1.79
CA ARG A 209 -1.21 14.73 -1.61
C ARG A 209 -0.25 14.31 -0.51
N GLU A 210 -0.42 13.09 -0.01
CA GLU A 210 0.41 12.55 1.05
C GLU A 210 1.16 11.32 0.50
N PHE A 211 2.42 11.15 0.90
CA PHE A 211 3.25 10.04 0.42
C PHE A 211 4.02 9.40 1.56
N LEU A 212 4.12 8.07 1.52
CA LEU A 212 4.81 7.33 2.54
C LEU A 212 5.79 6.38 1.87
N HIS A 213 7.03 6.37 2.33
CA HIS A 213 8.01 5.46 1.74
C HIS A 213 7.64 4.04 2.16
N VAL A 214 7.75 3.10 1.23
CA VAL A 214 7.39 1.71 1.49
C VAL A 214 8.10 1.08 2.68
N ASP A 215 9.32 1.53 3.00
CA ASP A 215 10.04 0.97 4.15
C ASP A 215 9.40 1.41 5.46
N ASP A 216 8.89 2.63 5.48
CA ASP A 216 8.19 3.12 6.67
C ASP A 216 6.89 2.30 6.78
N MET A 217 6.27 2.05 5.65
CA MET A 217 5.03 1.28 5.58
C MET A 217 5.26 -0.10 6.23
N ALA A 218 6.31 -0.78 5.80
CA ALA A 218 6.65 -2.10 6.32
C ALA A 218 6.88 -2.06 7.84
N ALA A 219 7.58 -1.04 8.31
CA ALA A 219 7.87 -0.87 9.73
C ALA A 219 6.58 -0.73 10.53
N ALA A 220 5.67 0.13 10.06
CA ALA A 220 4.40 0.36 10.73
C ALA A 220 3.53 -0.89 10.74
N SER A 221 3.61 -1.66 9.66
CA SER A 221 2.84 -2.90 9.53
C SER A 221 3.27 -3.92 10.59
N ILE A 222 4.59 -4.11 10.70
CA ILE A 222 5.17 -5.03 11.67
C ILE A 222 4.87 -4.55 13.09
N HIS A 223 4.87 -3.22 13.28
CA HIS A 223 4.59 -2.61 14.57
C HIS A 223 3.16 -2.95 14.99
N VAL A 224 2.19 -2.68 14.10
CA VAL A 224 0.79 -2.96 14.36
C VAL A 224 0.55 -4.46 14.57
N MET A 225 1.18 -5.29 13.73
CA MET A 225 1.05 -6.75 13.85
C MET A 225 1.52 -7.25 15.23
N GLU A 226 2.65 -6.73 15.70
CA GLU A 226 3.24 -7.16 16.96
C GLU A 226 2.78 -6.48 18.23
N LEU A 227 1.89 -5.51 18.12
CA LEU A 227 1.36 -4.81 19.28
C LEU A 227 0.60 -5.83 20.15
N ALA A 228 0.52 -5.55 21.45
CA ALA A 228 -0.21 -6.45 22.35
C ALA A 228 -1.69 -6.38 22.02
N HIS A 229 -2.35 -7.53 22.01
CA HIS A 229 -3.78 -7.60 21.69
C HIS A 229 -4.64 -6.64 22.51
N GLU A 230 -4.36 -6.51 23.81
CA GLU A 230 -5.14 -5.61 24.67
C GLU A 230 -4.95 -4.17 24.27
N VAL A 231 -3.73 -3.83 23.84
CA VAL A 231 -3.42 -2.47 23.42
C VAL A 231 -4.15 -2.11 22.11
N TRP A 232 -4.22 -3.08 21.21
CA TRP A 232 -4.90 -2.93 19.92
C TRP A 232 -6.42 -2.80 20.10
N LEU A 233 -7.00 -3.68 20.93
CA LEU A 233 -8.44 -3.65 21.20
C LEU A 233 -8.85 -2.33 21.82
N GLU A 234 -7.96 -1.79 22.64
CA GLU A 234 -8.16 -0.54 23.35
C GLU A 234 -8.20 0.66 22.40
N ASN A 235 -7.44 0.57 21.31
CA ASN A 235 -7.39 1.67 20.33
C ASN A 235 -8.18 1.49 19.05
N THR A 236 -9.02 0.45 19.01
CA THR A 236 -9.87 0.19 17.85
C THR A 236 -11.24 -0.27 18.35
N GLN A 237 -12.14 -0.53 17.41
CA GLN A 237 -13.47 -1.03 17.72
C GLN A 237 -13.68 -2.27 16.87
N PRO A 238 -14.46 -3.24 17.35
CA PRO A 238 -14.68 -4.47 16.60
C PRO A 238 -15.14 -4.29 15.15
N MET A 239 -15.98 -3.29 14.91
CA MET A 239 -16.46 -3.08 13.56
C MET A 239 -15.89 -1.83 12.87
N LEU A 240 -14.77 -1.35 13.40
CA LEU A 240 -14.06 -0.20 12.85
C LEU A 240 -12.63 -0.43 13.35
N SER A 241 -12.03 -1.53 12.90
CA SER A 241 -10.71 -1.96 13.34
C SER A 241 -9.46 -1.55 12.56
N HIS A 242 -9.62 -1.04 11.34
CA HIS A 242 -8.48 -0.68 10.53
C HIS A 242 -7.74 0.52 11.07
N ILE A 243 -6.43 0.58 10.81
CA ILE A 243 -5.60 1.69 11.25
C ILE A 243 -4.91 2.36 10.07
N ASN A 244 -5.10 3.67 9.92
CA ASN A 244 -4.48 4.46 8.85
C ASN A 244 -2.98 4.48 9.04
N VAL A 245 -2.23 4.35 7.95
CA VAL A 245 -0.77 4.39 8.02
C VAL A 245 -0.29 5.42 6.98
N GLY A 246 0.35 6.48 7.47
CA GLY A 246 0.86 7.54 6.60
C GLY A 246 1.68 8.53 7.39
N THR A 247 1.96 9.69 6.82
CA THR A 247 2.76 10.73 7.48
C THR A 247 1.91 11.84 8.13
N GLY A 248 0.71 12.04 7.60
CA GLY A 248 -0.17 13.08 8.11
C GLY A 248 0.22 14.45 7.59
N VAL A 249 1.23 14.47 6.74
CA VAL A 249 1.74 15.69 6.13
C VAL A 249 1.44 15.66 4.65
N ASP A 250 0.89 16.75 4.13
CA ASP A 250 0.63 16.82 2.70
C ASP A 250 1.53 17.85 2.03
N CYS A 251 1.67 17.73 0.72
CA CYS A 251 2.46 18.67 -0.06
C CYS A 251 1.82 18.75 -1.43
N THR A 252 1.96 19.91 -2.07
CA THR A 252 1.38 20.12 -3.39
C THR A 252 2.11 19.33 -4.47
N ILE A 253 1.43 19.09 -5.57
CA ILE A 253 2.03 18.38 -6.70
C ILE A 253 3.21 19.22 -7.22
N ARG A 254 3.07 20.54 -7.14
CA ARG A 254 4.13 21.46 -7.56
C ARG A 254 5.38 21.19 -6.74
N GLU A 255 5.21 21.12 -5.41
CA GLU A 255 6.34 20.87 -4.54
C GLU A 255 6.99 19.51 -4.80
N LEU A 256 6.15 18.51 -5.08
CA LEU A 256 6.61 17.16 -5.37
C LEU A 256 7.46 17.12 -6.64
N ALA A 257 6.91 17.69 -7.72
CA ALA A 257 7.58 17.74 -9.02
C ALA A 257 8.92 18.49 -8.95
N GLN A 258 8.90 19.60 -8.22
CA GLN A 258 10.07 20.45 -8.06
C GLN A 258 11.14 19.74 -7.24
N THR A 259 10.71 18.94 -6.26
CA THR A 259 11.65 18.20 -5.41
C THR A 259 12.28 17.05 -6.23
N ILE A 260 11.47 16.38 -7.05
CA ILE A 260 11.96 15.30 -7.89
C ILE A 260 12.96 15.87 -8.90
N ALA A 261 12.64 17.03 -9.48
CA ALA A 261 13.53 17.69 -10.43
C ALA A 261 14.90 17.89 -9.79
N LYS A 262 14.90 18.39 -8.55
CA LYS A 262 16.14 18.62 -7.83
C LYS A 262 16.90 17.30 -7.57
N VAL A 263 16.19 16.29 -7.06
CA VAL A 263 16.78 14.98 -6.76
C VAL A 263 17.46 14.35 -8.00
N VAL A 264 16.83 14.50 -9.15
CA VAL A 264 17.32 13.94 -10.38
C VAL A 264 18.44 14.77 -11.03
N GLY A 265 18.57 16.03 -10.63
CA GLY A 265 19.57 16.90 -11.20
C GLY A 265 19.09 17.55 -12.49
N TYR A 266 17.77 17.68 -12.64
CA TYR A 266 17.19 18.28 -13.83
C TYR A 266 17.38 19.79 -13.78
N LYS A 267 17.85 20.37 -14.88
CA LYS A 267 18.11 21.82 -14.95
C LYS A 267 17.10 22.58 -15.78
N GLY A 268 16.23 21.88 -16.47
CA GLY A 268 15.23 22.55 -17.28
C GLY A 268 14.13 23.19 -16.44
N ARG A 269 13.03 23.51 -17.10
CA ARG A 269 11.90 24.12 -16.43
C ARG A 269 10.75 23.15 -16.22
N VAL A 270 10.15 23.22 -15.05
CA VAL A 270 8.99 22.39 -14.73
C VAL A 270 7.79 23.28 -15.05
N VAL A 271 6.91 22.82 -15.93
CA VAL A 271 5.76 23.62 -16.32
C VAL A 271 4.43 22.90 -16.06
N PHE A 272 3.51 23.59 -15.39
CA PHE A 272 2.19 23.05 -15.13
C PHE A 272 1.20 23.63 -16.10
N ASP A 273 0.53 22.76 -16.83
CA ASP A 273 -0.46 23.18 -17.81
C ASP A 273 -1.80 23.23 -17.08
N ALA A 274 -2.19 24.43 -16.65
CA ALA A 274 -3.44 24.63 -15.91
C ALA A 274 -4.71 24.51 -16.73
N SER A 275 -4.57 24.24 -18.03
CA SER A 275 -5.75 24.09 -18.89
C SER A 275 -6.33 22.67 -18.71
N LYS A 276 -5.62 21.83 -17.97
CA LYS A 276 -6.03 20.47 -17.68
C LYS A 276 -6.57 20.49 -16.26
N PRO A 277 -7.62 19.72 -15.99
CA PRO A 277 -8.25 19.64 -14.66
C PRO A 277 -7.40 19.00 -13.58
N ASP A 278 -7.67 19.40 -12.34
CA ASP A 278 -6.97 18.85 -11.18
C ASP A 278 -7.90 17.79 -10.60
N GLY A 279 -7.38 16.99 -9.69
CA GLY A 279 -8.23 15.99 -9.03
C GLY A 279 -8.78 16.73 -7.83
N THR A 280 -9.09 16.00 -6.76
CA THR A 280 -9.61 16.64 -5.55
C THR A 280 -8.48 17.53 -5.00
N PRO A 281 -8.85 18.67 -4.40
CA PRO A 281 -7.89 19.62 -3.85
C PRO A 281 -6.93 19.07 -2.80
N ARG A 282 -7.42 18.16 -1.98
CA ARG A 282 -6.64 17.62 -0.89
C ARG A 282 -7.02 16.19 -0.56
N LYS A 283 -6.02 15.39 -0.21
CA LYS A 283 -6.26 14.01 0.12
C LYS A 283 -5.13 13.52 1.02
N LEU A 284 -5.44 13.34 2.30
CA LEU A 284 -4.47 12.81 3.26
C LEU A 284 -5.19 12.14 4.42
N LEU A 285 -4.48 11.22 5.08
CA LEU A 285 -5.03 10.46 6.18
C LEU A 285 -4.81 11.10 7.54
N ASP A 286 -5.74 10.81 8.46
CA ASP A 286 -5.64 11.26 9.83
C ASP A 286 -4.90 10.05 10.45
N VAL A 287 -3.70 10.29 10.96
CA VAL A 287 -2.93 9.20 11.54
C VAL A 287 -2.83 9.25 13.06
N THR A 288 -3.80 9.91 13.69
CA THR A 288 -3.89 10.06 15.15
C THR A 288 -3.84 8.70 15.86
N ARG A 289 -4.68 7.77 15.40
CA ARG A 289 -4.77 6.43 15.96
C ARG A 289 -3.41 5.74 15.93
N LEU A 290 -2.74 5.80 14.79
CA LEU A 290 -1.42 5.18 14.64
C LEU A 290 -0.38 5.82 15.57
N HIS A 291 -0.42 7.13 15.66
CA HIS A 291 0.52 7.88 16.51
C HIS A 291 0.28 7.55 17.98
N GLN A 292 -0.99 7.37 18.35
CA GLN A 292 -1.32 7.01 19.72
C GLN A 292 -0.83 5.60 20.03
N LEU A 293 -0.67 4.78 18.99
CA LEU A 293 -0.17 3.42 19.14
C LEU A 293 1.37 3.43 19.20
N GLY A 294 1.92 4.63 19.22
CA GLY A 294 3.37 4.81 19.32
C GLY A 294 4.25 4.65 18.09
N TRP A 295 3.70 4.86 16.90
CA TRP A 295 4.52 4.74 15.70
C TRP A 295 4.52 6.04 14.92
N TYR A 296 5.72 6.45 14.52
CA TYR A 296 5.93 7.65 13.73
C TYR A 296 6.87 7.31 12.57
N HIS A 297 6.60 7.86 11.38
CA HIS A 297 7.43 7.60 10.21
C HIS A 297 8.79 8.25 10.37
N GLU A 298 9.79 7.65 9.75
CA GLU A 298 11.16 8.14 9.81
C GLU A 298 11.70 8.76 8.54
N ILE A 299 11.19 8.32 7.39
CA ILE A 299 11.68 8.79 6.10
C ILE A 299 10.95 10.00 5.53
N SER A 300 11.69 11.09 5.40
CA SER A 300 11.15 12.34 4.83
C SER A 300 11.09 12.23 3.31
N LEU A 301 10.28 13.07 2.69
CA LEU A 301 10.09 13.04 1.25
C LEU A 301 11.38 13.16 0.41
N GLU A 302 12.19 14.18 0.68
CA GLU A 302 13.43 14.39 -0.08
C GLU A 302 14.34 13.19 0.03
N ALA A 303 14.54 12.71 1.26
CA ALA A 303 15.41 11.56 1.54
C ALA A 303 14.89 10.28 0.88
N GLY A 304 13.57 10.09 0.92
CA GLY A 304 12.97 8.91 0.32
C GLY A 304 13.04 8.92 -1.19
N LEU A 305 12.89 10.10 -1.78
CA LEU A 305 12.97 10.24 -3.23
C LEU A 305 14.40 10.02 -3.71
N ALA A 306 15.36 10.54 -2.95
CA ALA A 306 16.76 10.37 -3.31
C ALA A 306 17.16 8.88 -3.27
N SER A 307 16.79 8.18 -2.20
CA SER A 307 17.14 6.76 -2.11
C SER A 307 16.41 5.90 -3.15
N THR A 308 15.16 6.24 -3.44
CA THR A 308 14.36 5.52 -4.43
C THR A 308 14.98 5.73 -5.82
N TYR A 309 15.45 6.95 -6.09
CA TYR A 309 16.08 7.26 -7.38
C TYR A 309 17.34 6.43 -7.53
N GLN A 310 18.08 6.32 -6.43
CA GLN A 310 19.29 5.53 -6.37
C GLN A 310 18.98 4.09 -6.75
N TRP A 311 17.91 3.53 -6.16
CA TRP A 311 17.51 2.15 -6.47
C TRP A 311 17.14 2.05 -7.95
N PHE A 312 16.37 3.02 -8.44
CA PHE A 312 15.96 3.05 -9.85
C PHE A 312 17.18 3.01 -10.78
N LEU A 313 18.24 3.76 -10.43
CA LEU A 313 19.47 3.81 -11.24
C LEU A 313 20.16 2.45 -11.36
N GLU A 314 20.21 1.69 -10.27
CA GLU A 314 20.83 0.38 -10.28
C GLU A 314 19.96 -0.71 -10.90
N ASN A 315 18.68 -0.42 -11.12
CA ASN A 315 17.75 -1.41 -11.67
C ASN A 315 17.00 -0.94 -12.88
N GLN A 316 17.51 0.06 -13.59
CA GLN A 316 16.77 0.57 -14.73
C GLN A 316 16.62 -0.39 -15.91
N ASP A 317 17.49 -1.40 -15.96
CA ASP A 317 17.39 -2.39 -17.03
C ASP A 317 16.45 -3.50 -16.60
N ARG A 318 15.20 -3.09 -16.35
CA ARG A 318 14.10 -3.94 -15.93
C ARG A 318 12.83 -3.26 -16.40
N PHE A 319 12.96 -1.98 -16.75
CA PHE A 319 11.84 -1.16 -17.20
C PHE A 319 12.05 -0.63 -18.62
PA NAP B . 2.57 -5.69 -6.15
O1A NAP B . 1.85 -6.08 -7.42
O2A NAP B . 3.98 -5.23 -6.22
O5B NAP B . 2.39 -6.97 -5.11
C5B NAP B . 1.38 -7.99 -5.32
C4B NAP B . 2.09 -9.32 -5.19
O4B NAP B . 1.06 -10.33 -5.08
C3B NAP B . 2.91 -9.66 -6.40
O3B NAP B . 4.24 -10.11 -6.01
C2B NAP B . 2.16 -10.76 -7.05
O2B NAP B . 3.04 -11.69 -7.67
C1B NAP B . 1.43 -11.43 -5.92
N9A NAP B . 0.22 -12.15 -6.43
C8A NAP B . -0.89 -11.64 -7.07
N7A NAP B . -1.77 -12.55 -7.39
C5A NAP B . -1.21 -13.75 -6.93
C6A NAP B . -1.66 -15.09 -6.98
N6A NAP B . -2.82 -15.42 -7.54
N1A NAP B . -0.87 -16.05 -6.44
C2A NAP B . 0.30 -15.71 -5.88
N3A NAP B . 0.80 -14.49 -5.79
C4A NAP B . -0.01 -13.53 -6.35
O3 NAP B . 1.68 -4.62 -5.34
PN NAP B . 1.87 -3.68 -4.05
O1N NAP B . 2.15 -2.27 -4.59
O2N NAP B . 3.00 -4.33 -3.23
O5D NAP B . 0.47 -3.66 -3.25
C5D NAP B . 0.07 -4.71 -2.33
C4D NAP B . -1.01 -4.13 -1.42
O4D NAP B . -0.41 -2.98 -0.74
C3D NAP B . -2.19 -3.51 -2.19
O3D NAP B . -3.20 -4.45 -2.59
C2D NAP B . -2.70 -2.44 -1.25
O2D NAP B . -3.62 -3.01 -0.34
C1D NAP B . -1.38 -1.94 -0.56
N1N NAP B . -0.98 -0.70 -1.23
C2N NAP B . -1.79 0.37 -0.94
C3N NAP B . -1.49 1.62 -1.54
C7N NAP B . -2.34 2.76 -1.23
O7N NAP B . -3.37 2.59 -0.37
N7N NAP B . -2.18 3.90 -1.71
C4N NAP B . -0.39 1.73 -2.41
C5N NAP B . 0.40 0.66 -2.70
C6N NAP B . 0.11 -0.58 -2.12
P2B NAP B . 3.33 -11.69 -9.27
O1X NAP B . 3.48 -10.21 -9.68
O2X NAP B . 4.59 -12.52 -9.32
O3X NAP B . 2.09 -12.32 -9.87
#